data_5JVX
#
_entry.id   5JVX
#
_cell.length_a   57.912
_cell.length_b   57.912
_cell.length_c   150.136
_cell.angle_alpha   90.00
_cell.angle_beta   90.00
_cell.angle_gamma   90.00
#
_symmetry.space_group_name_H-M   'P 41 21 2'
#
loop_
_entity.id
_entity.type
_entity.pdbx_description
1 polymer Thaumatin-1
2 non-polymer 'L(+)-TARTARIC ACID'
3 non-polymer (1-butyl-3-methyl-1,3-dihydro-2H-imidazol-2-ylidene)(chloro)gold
4 non-polymer 'CHLORIDE ION'
5 water water
#
_entity_poly.entity_id   1
_entity_poly.type   'polypeptide(L)'
_entity_poly.pdbx_seq_one_letter_code
;ATFEIVNRCSYTVWAAASKGDAALDAGGRQLNSGESWTINVEPGTNGGKIWARTDCYFDDSGSGICKTGDCGGLLRCKRF
GRPPTTLAEFSLNQYGKDYIDISNIKGFNVPMNFSPTTRGCRGVRCAADIVGQCPAKLKAPGGGCNDACTVFQTSEYCCT
TGKCGPTEYSRFFKRLCPDAFSYVLDKPTTVTCPGSSNYRVTFCPTA
;
_entity_poly.pdbx_strand_id   A
#
# COMPACT_ATOMS: atom_id res chain seq x y z
N ALA A 1 10.18 8.94 13.33
CA ALA A 1 9.04 7.89 13.44
C ALA A 1 9.47 6.49 13.05
N THR A 2 9.12 5.49 13.87
N THR A 2 8.98 5.51 13.81
CA THR A 2 9.43 4.10 13.56
CA THR A 2 9.34 4.12 13.67
C THR A 2 8.22 3.39 13.00
C THR A 2 8.19 3.34 13.03
N PHE A 3 8.48 2.60 11.96
CA PHE A 3 7.51 1.67 11.36
C PHE A 3 8.12 0.28 11.43
N GLU A 4 7.50 -0.62 12.18
CA GLU A 4 7.88 -2.01 12.16
C GLU A 4 7.07 -2.68 11.06
N ILE A 5 7.77 -3.21 10.05
CA ILE A 5 7.10 -3.91 8.95
C ILE A 5 7.28 -5.40 9.18
N VAL A 6 6.16 -6.13 9.27
CA VAL A 6 6.16 -7.51 9.70
C VAL A 6 5.49 -8.34 8.62
N ASN A 7 6.18 -9.38 8.16
CA ASN A 7 5.60 -10.27 7.18
C ASN A 7 5.03 -11.51 7.84
N ARG A 8 3.71 -11.55 8.00
CA ARG A 8 3.03 -12.72 8.54
C ARG A 8 2.52 -13.67 7.44
N CYS A 9 2.79 -13.33 6.17
CA CYS A 9 2.45 -14.20 5.06
C CYS A 9 3.30 -15.46 5.07
N SER A 10 2.76 -16.54 4.47
CA SER A 10 3.49 -17.77 4.30
C SER A 10 4.53 -17.66 3.19
N TYR A 11 4.47 -16.58 2.40
CA TYR A 11 5.36 -16.37 1.27
C TYR A 11 6.25 -15.19 1.56
N THR A 12 7.42 -15.17 0.95
CA THR A 12 8.34 -14.03 1.06
C THR A 12 7.74 -12.79 0.41
N VAL A 13 7.95 -11.63 1.03
CA VAL A 13 7.64 -10.35 0.40
C VAL A 13 8.88 -9.49 0.40
N TRP A 14 8.93 -8.53 -0.51
CA TRP A 14 9.98 -7.55 -0.52
C TRP A 14 9.30 -6.26 -0.20
N ALA A 15 9.47 -5.82 1.05
CA ALA A 15 8.87 -4.58 1.50
C ALA A 15 9.52 -3.40 0.78
N ALA A 16 8.74 -2.33 0.65
CA ALA A 16 9.16 -1.11 -0.01
C ALA A 16 8.60 0.08 0.73
N ALA A 17 9.36 1.17 0.70
CA ALA A 17 8.96 2.37 1.40
C ALA A 17 9.51 3.55 0.65
N SER A 18 8.63 4.46 0.25
CA SER A 18 9.01 5.59 -0.59
C SER A 18 8.05 6.76 -0.38
N LYS A 19 8.53 7.97 -0.65
CA LYS A 19 7.63 9.12 -0.77
C LYS A 19 7.47 9.62 -2.21
N GLY A 20 7.80 8.77 -3.18
CA GLY A 20 7.53 9.05 -4.59
C GLY A 20 8.73 9.57 -5.35
N ASP A 21 9.50 10.43 -4.69
CA ASP A 21 10.72 11.02 -5.26
C ASP A 21 11.98 10.67 -4.45
N ALA A 22 11.83 9.79 -3.47
CA ALA A 22 12.95 9.36 -2.61
C ALA A 22 12.55 8.12 -1.82
N ALA A 23 13.54 7.30 -1.48
CA ALA A 23 13.37 6.21 -0.54
C ALA A 23 13.05 6.74 0.85
N LEU A 24 12.30 5.96 1.61
CA LEU A 24 12.24 6.13 3.05
C LEU A 24 13.15 5.07 3.65
N ASP A 25 14.07 5.48 4.52
CA ASP A 25 15.05 4.56 5.09
C ASP A 25 15.79 3.92 3.89
N ALA A 26 16.05 2.61 3.93
CA ALA A 26 16.74 1.94 2.83
C ALA A 26 15.88 1.73 1.60
N GLY A 27 14.57 1.99 1.69
CA GLY A 27 13.66 1.90 0.54
C GLY A 27 13.08 0.52 0.25
N GLY A 28 13.81 -0.53 0.59
CA GLY A 28 13.27 -1.86 0.42
C GLY A 28 14.13 -2.93 1.02
N ARG A 29 13.51 -4.07 1.28
CA ARG A 29 14.21 -5.20 1.89
C ARG A 29 13.38 -6.46 1.77
N GLN A 30 14.07 -7.60 1.67
CA GLN A 30 13.42 -8.91 1.72
C GLN A 30 12.96 -9.22 3.14
N LEU A 31 11.74 -9.76 3.22
CA LEU A 31 11.17 -10.25 4.44
C LEU A 31 10.64 -11.65 4.16
N ASN A 32 11.35 -12.66 4.65
CA ASN A 32 10.85 -14.02 4.63
C ASN A 32 9.67 -14.12 5.59
N SER A 33 8.92 -15.21 5.48
CA SER A 33 7.78 -15.44 6.35
C SER A 33 8.17 -15.35 7.83
N GLY A 34 7.53 -14.44 8.54
CA GLY A 34 7.79 -14.19 9.95
C GLY A 34 8.75 -13.06 10.26
N GLU A 35 9.54 -12.60 9.28
CA GLU A 35 10.52 -11.55 9.53
C GLU A 35 9.94 -10.17 9.75
N SER A 36 10.63 -9.39 10.58
CA SER A 36 10.29 -8.01 10.87
C SER A 36 11.46 -7.12 10.47
N TRP A 37 11.12 -5.95 9.92
CA TRP A 37 12.09 -4.93 9.50
C TRP A 37 11.58 -3.60 10.01
N THR A 38 12.37 -2.98 10.89
CA THR A 38 12.00 -1.70 11.45
C THR A 38 12.73 -0.58 10.70
N ILE A 39 11.98 0.40 10.23
CA ILE A 39 12.53 1.52 9.51
C ILE A 39 12.25 2.80 10.25
N ASN A 40 13.09 3.80 9.98
CA ASN A 40 12.92 5.13 10.46
C ASN A 40 12.48 6.04 9.32
N VAL A 41 11.38 6.74 9.53
CA VAL A 41 10.84 7.70 8.57
C VAL A 41 10.97 9.10 9.15
N GLU A 42 11.56 10.01 8.37
CA GLU A 42 11.79 11.38 8.90
C GLU A 42 10.47 12.06 9.28
N PRO A 43 10.43 12.72 10.46
CA PRO A 43 9.29 13.55 10.80
C PRO A 43 8.96 14.53 9.68
N GLY A 44 7.68 14.79 9.48
CA GLY A 44 7.24 15.70 8.45
C GLY A 44 7.10 15.06 7.08
N THR A 45 7.39 13.77 6.95
CA THR A 45 7.26 13.08 5.68
C THR A 45 5.81 13.15 5.20
N ASN A 46 5.63 13.66 3.99
CA ASN A 46 4.31 13.85 3.42
C ASN A 46 4.15 12.93 2.23
N GLY A 47 3.04 12.21 2.17
CA GLY A 47 2.79 11.31 1.05
C GLY A 47 3.71 10.09 1.01
N GLY A 48 4.09 9.58 2.18
CA GLY A 48 4.87 8.34 2.26
C GLY A 48 3.96 7.13 2.05
N LYS A 49 4.53 6.07 1.48
CA LYS A 49 3.80 4.82 1.26
C LYS A 49 4.70 3.61 1.56
N ILE A 50 4.08 2.56 2.10
CA ILE A 50 4.71 1.26 2.30
C ILE A 50 3.85 0.21 1.60
N TRP A 51 4.51 -0.70 0.91
CA TRP A 51 3.84 -1.79 0.22
C TRP A 51 4.71 -3.03 0.18
N ALA A 52 4.07 -4.14 -0.16
CA ALA A 52 4.71 -5.42 -0.39
C ALA A 52 4.91 -5.62 -1.88
N ARG A 53 6.02 -6.26 -2.24
CA ARG A 53 6.26 -6.75 -3.57
C ARG A 53 6.37 -8.27 -3.51
N THR A 54 5.84 -8.95 -4.53
CA THR A 54 5.88 -10.40 -4.60
C THR A 54 6.69 -10.90 -5.79
N ASP A 55 7.22 -12.12 -5.62
CA ASP A 55 7.92 -12.87 -6.68
C ASP A 55 9.04 -12.06 -7.34
N CYS A 56 9.96 -11.58 -6.51
CA CYS A 56 11.07 -10.76 -6.94
C CYS A 56 12.32 -11.58 -7.22
N TYR A 57 13.14 -11.13 -8.16
N TYR A 57 13.17 -11.06 -8.10
CA TYR A 57 14.52 -11.59 -8.30
CA TYR A 57 14.51 -11.59 -8.34
C TYR A 57 15.38 -10.36 -8.36
C TYR A 57 15.43 -10.39 -8.44
N PHE A 58 16.48 -10.38 -7.62
CA PHE A 58 17.47 -9.32 -7.62
C PHE A 58 18.87 -9.92 -7.74
N ASP A 59 19.73 -9.29 -8.54
CA ASP A 59 21.14 -9.65 -8.60
C ASP A 59 21.90 -9.10 -7.39
N ASP A 60 23.20 -9.39 -7.34
CA ASP A 60 24.08 -8.91 -6.26
C ASP A 60 24.09 -7.38 -6.10
N SER A 61 23.86 -6.65 -7.18
CA SER A 61 23.79 -5.18 -7.16
C SER A 61 22.44 -4.58 -6.73
N GLY A 62 21.45 -5.42 -6.44
CA GLY A 62 20.12 -4.95 -6.09
C GLY A 62 19.24 -4.54 -7.26
N SER A 63 19.49 -5.10 -8.43
N SER A 63 19.50 -5.13 -8.43
CA SER A 63 18.72 -4.80 -9.64
CA SER A 63 18.74 -4.83 -9.65
C SER A 63 18.03 -6.08 -10.11
C SER A 63 18.03 -6.10 -10.10
N GLY A 64 16.76 -5.95 -10.52
CA GLY A 64 16.00 -7.08 -10.98
C GLY A 64 14.57 -6.78 -11.33
N ILE A 65 13.65 -7.61 -10.85
CA ILE A 65 12.25 -7.45 -11.16
C ILE A 65 11.36 -8.13 -10.11
N CYS A 66 10.17 -7.58 -9.91
CA CYS A 66 9.10 -8.17 -9.09
C CYS A 66 7.81 -8.26 -9.90
N LYS A 67 6.99 -9.27 -9.63
CA LYS A 67 5.71 -9.44 -10.33
C LYS A 67 4.61 -8.48 -9.88
N THR A 68 4.65 -8.02 -8.62
CA THR A 68 3.80 -6.95 -8.16
C THR A 68 4.65 -5.92 -7.45
N GLY A 69 4.30 -4.65 -7.61
CA GLY A 69 4.94 -3.55 -6.89
C GLY A 69 6.36 -3.17 -7.27
N ASP A 70 6.84 -3.65 -8.40
CA ASP A 70 8.20 -3.35 -8.84
C ASP A 70 8.43 -1.84 -8.94
N CYS A 71 9.54 -1.36 -8.37
CA CYS A 71 9.88 0.06 -8.37
C CYS A 71 11.11 0.27 -9.24
N GLY A 72 10.90 0.30 -10.56
CA GLY A 72 12.00 0.49 -11.51
C GLY A 72 13.12 -0.52 -11.37
N GLY A 73 12.76 -1.75 -11.03
CA GLY A 73 13.71 -2.85 -10.92
C GLY A 73 14.69 -2.82 -9.78
N LEU A 74 14.45 -1.96 -8.78
CA LEU A 74 15.36 -1.79 -7.65
C LEU A 74 14.92 -2.58 -6.42
N LEU A 75 15.87 -3.21 -5.73
CA LEU A 75 15.60 -3.75 -4.38
C LEU A 75 15.25 -2.61 -3.45
N ARG A 76 16.09 -1.57 -3.47
CA ARG A 76 15.95 -0.41 -2.61
C ARG A 76 15.16 0.68 -3.34
N CYS A 77 13.85 0.67 -3.16
CA CYS A 77 12.95 1.57 -3.90
C CYS A 77 13.17 3.05 -3.64
N LYS A 78 13.30 3.82 -4.72
CA LYS A 78 13.27 5.29 -4.69
C LYS A 78 11.93 5.86 -5.10
N ARG A 79 11.15 5.11 -5.88
CA ARG A 79 9.92 5.59 -6.45
C ARG A 79 8.79 4.63 -6.04
N PHE A 80 7.56 5.00 -6.36
CA PHE A 80 6.43 4.11 -6.11
C PHE A 80 6.45 2.90 -7.05
N GLY A 81 5.76 1.85 -6.62
CA GLY A 81 5.74 0.56 -7.26
C GLY A 81 4.65 0.39 -8.30
N ARG A 82 4.88 -0.54 -9.18
CA ARG A 82 3.94 -0.83 -10.25
C ARG A 82 2.69 -1.55 -9.68
N PRO A 83 1.48 -1.05 -10.02
CA PRO A 83 0.25 -1.69 -9.55
C PRO A 83 0.15 -3.14 -10.07
N PRO A 84 -0.54 -4.05 -9.40
CA PRO A 84 -1.36 -3.82 -8.23
C PRO A 84 -0.54 -3.85 -6.92
N THR A 85 -0.80 -2.88 -6.04
CA THR A 85 -0.12 -2.78 -4.74
C THR A 85 -1.09 -2.26 -3.71
N THR A 86 -1.35 -3.04 -2.68
CA THR A 86 -2.09 -2.55 -1.51
C THR A 86 -1.16 -1.52 -0.86
N LEU A 87 -1.68 -0.35 -0.55
CA LEU A 87 -0.85 0.75 -0.04
C LEU A 87 -1.16 1.13 1.39
N ALA A 88 -0.12 1.17 2.24
CA ALA A 88 -0.20 1.85 3.54
C ALA A 88 0.31 3.26 3.33
N GLU A 89 -0.51 4.27 3.56
CA GLU A 89 -0.21 5.65 3.18
C GLU A 89 -0.20 6.54 4.41
N PHE A 90 0.71 7.51 4.45
CA PHE A 90 0.84 8.30 5.65
C PHE A 90 1.48 9.64 5.37
N SER A 91 1.00 10.63 6.11
CA SER A 91 1.62 11.94 6.16
C SER A 91 1.81 12.29 7.63
N LEU A 92 3.03 12.64 8.00
CA LEU A 92 3.42 12.75 9.39
C LEU A 92 3.68 14.21 9.78
N ASN A 93 3.32 14.58 10.99
CA ASN A 93 3.61 15.92 11.51
C ASN A 93 3.05 17.03 10.63
N GLN A 94 1.77 16.88 10.30
CA GLN A 94 1.06 17.84 9.49
C GLN A 94 0.24 18.66 10.46
N TYR A 95 0.75 19.86 10.76
CA TYR A 95 0.14 20.73 11.75
C TYR A 95 -0.21 19.99 13.05
N GLY A 96 0.76 19.24 13.58
CA GLY A 96 0.63 18.57 14.88
C GLY A 96 -0.02 17.19 14.91
N LYS A 97 -0.38 16.65 13.75
N LYS A 97 -0.44 16.66 13.76
CA LYS A 97 -1.09 15.38 13.65
CA LYS A 97 -1.11 15.36 13.70
C LYS A 97 -0.47 14.51 12.57
C LYS A 97 -0.52 14.51 12.58
N ASP A 98 -0.68 13.20 12.71
CA ASP A 98 -0.30 12.23 11.65
C ASP A 98 -1.62 11.78 11.02
N TYR A 99 -1.57 11.40 9.75
CA TYR A 99 -2.73 10.90 9.02
C TYR A 99 -2.33 9.62 8.31
N ILE A 100 -3.10 8.56 8.52
CA ILE A 100 -2.81 7.24 7.95
C ILE A 100 -4.04 6.69 7.23
N ASP A 101 -3.80 5.89 6.19
CA ASP A 101 -4.87 5.12 5.56
C ASP A 101 -4.33 3.91 4.86
N ILE A 102 -5.23 3.02 4.48
CA ILE A 102 -4.96 2.02 3.49
C ILE A 102 -5.73 2.37 2.22
N SER A 103 -5.10 2.17 1.06
CA SER A 103 -5.72 2.43 -0.24
C SER A 103 -5.61 1.23 -1.18
N ASN A 104 -6.72 0.97 -1.86
CA ASN A 104 -6.84 0.06 -3.01
C ASN A 104 -6.96 0.82 -4.34
N ILE A 105 -6.63 2.10 -4.36
CA ILE A 105 -6.75 2.93 -5.56
C ILE A 105 -5.78 2.47 -6.66
N LYS A 106 -4.66 1.88 -6.26
N LYS A 106 -4.63 1.92 -6.27
CA LYS A 106 -3.68 1.31 -7.17
CA LYS A 106 -3.67 1.30 -7.19
C LYS A 106 -3.69 -0.23 -7.08
C LYS A 106 -3.70 -0.22 -7.08
N GLY A 107 -4.88 -0.78 -6.81
CA GLY A 107 -5.09 -2.20 -6.74
C GLY A 107 -4.66 -2.85 -5.42
N PHE A 108 -4.71 -4.18 -5.42
CA PHE A 108 -4.44 -4.96 -4.23
C PHE A 108 -3.56 -6.13 -4.62
N ASN A 109 -2.52 -6.39 -3.82
CA ASN A 109 -1.69 -7.58 -4.00
C ASN A 109 -1.60 -8.48 -2.76
N VAL A 110 -1.38 -7.86 -1.60
CA VAL A 110 -1.13 -8.55 -0.35
C VAL A 110 -1.99 -7.89 0.73
N PRO A 111 -2.65 -8.71 1.57
CA PRO A 111 -3.47 -8.14 2.66
C PRO A 111 -2.60 -7.43 3.70
N MET A 112 -3.18 -6.43 4.36
CA MET A 112 -2.39 -5.53 5.21
C MET A 112 -3.19 -5.00 6.39
N ASN A 113 -2.52 -4.94 7.55
CA ASN A 113 -2.98 -4.17 8.71
C ASN A 113 -1.98 -3.04 8.90
N PHE A 114 -2.48 -1.85 9.20
CA PHE A 114 -1.65 -0.66 9.38
C PHE A 114 -2.13 -0.01 10.68
N SER A 115 -1.36 -0.18 11.75
CA SER A 115 -1.81 0.22 13.10
C SER A 115 -0.75 1.03 13.82
N PRO A 116 -1.19 1.98 14.67
CA PRO A 116 -0.25 2.64 15.55
C PRO A 116 0.23 1.68 16.62
N THR A 117 1.47 1.85 17.04
CA THR A 117 2.02 1.12 18.19
C THR A 117 2.10 2.01 19.41
N THR A 118 1.65 3.27 19.26
CA THR A 118 1.57 4.24 20.33
C THR A 118 0.11 4.66 20.51
N ARG A 119 -0.17 5.42 21.56
CA ARG A 119 -1.57 5.70 21.95
C ARG A 119 -2.27 6.78 21.12
N GLY A 120 -3.60 6.76 21.17
CA GLY A 120 -4.41 7.91 20.74
C GLY A 120 -5.16 7.80 19.43
N CYS A 121 -5.11 6.62 18.79
CA CYS A 121 -5.87 6.37 17.55
C CYS A 121 -5.99 4.86 17.26
N ARG A 122 -6.80 4.53 16.27
N ARG A 122 -6.79 4.54 16.24
CA ARG A 122 -7.01 3.15 15.90
CA ARG A 122 -7.09 3.17 15.86
C ARG A 122 -6.16 2.82 14.66
C ARG A 122 -6.39 2.82 14.55
N GLY A 123 -6.13 1.53 14.32
CA GLY A 123 -5.54 1.06 13.06
C GLY A 123 -6.62 0.84 12.00
N VAL A 124 -6.15 0.52 10.80
CA VAL A 124 -7.03 0.13 9.70
C VAL A 124 -6.48 -1.15 9.06
N ARG A 125 -7.36 -1.86 8.36
CA ARG A 125 -7.03 -3.16 7.83
C ARG A 125 -7.77 -3.42 6.55
N CYS A 126 -7.09 -4.08 5.63
CA CYS A 126 -7.71 -4.68 4.46
C CYS A 126 -7.09 -6.06 4.32
N ALA A 127 -7.78 -7.05 4.88
CA ALA A 127 -7.27 -8.43 4.96
C ALA A 127 -8.13 -9.45 4.23
N ALA A 128 -9.18 -9.02 3.56
CA ALA A 128 -10.01 -9.93 2.75
C ALA A 128 -9.23 -10.51 1.58
N ASP A 129 -9.75 -11.61 1.04
CA ASP A 129 -9.11 -12.29 -0.07
C ASP A 129 -9.50 -11.62 -1.40
N ILE A 130 -8.98 -10.42 -1.59
CA ILE A 130 -9.29 -9.65 -2.78
C ILE A 130 -8.74 -10.33 -4.04
N VAL A 131 -7.55 -10.93 -3.99
CA VAL A 131 -7.00 -11.58 -5.18
C VAL A 131 -7.88 -12.77 -5.60
N GLY A 132 -8.29 -13.59 -4.63
CA GLY A 132 -9.12 -14.77 -4.93
C GLY A 132 -10.50 -14.40 -5.49
N GLN A 133 -11.08 -13.31 -5.00
CA GLN A 133 -12.41 -12.87 -5.43
C GLN A 133 -12.41 -11.87 -6.58
N CYS A 134 -11.21 -11.48 -7.05
CA CYS A 134 -11.03 -10.39 -8.02
C CYS A 134 -11.91 -10.59 -9.26
N PRO A 135 -12.63 -9.53 -9.70
CA PRO A 135 -13.36 -9.63 -10.98
C PRO A 135 -12.45 -10.02 -12.12
N ALA A 136 -12.96 -10.86 -13.03
CA ALA A 136 -12.15 -11.38 -14.13
C ALA A 136 -11.38 -10.29 -14.86
N LYS A 137 -12.04 -9.19 -15.15
CA LYS A 137 -11.43 -8.14 -15.96
C LYS A 137 -10.32 -7.38 -15.20
N LEU A 138 -10.29 -7.49 -13.88
CA LEU A 138 -9.24 -6.86 -13.06
C LEU A 138 -8.05 -7.76 -12.66
N LYS A 139 -8.16 -9.07 -12.85
CA LYS A 139 -7.10 -10.01 -12.45
C LYS A 139 -5.83 -9.66 -13.20
N ALA A 140 -4.72 -9.48 -12.47
CA ALA A 140 -3.43 -9.24 -13.10
C ALA A 140 -2.80 -10.61 -13.38
N PRO A 141 -2.43 -10.90 -14.65
CA PRO A 141 -1.78 -12.20 -14.95
C PRO A 141 -0.51 -12.42 -14.14
N GLY A 142 0.27 -11.35 -13.98
CA GLY A 142 1.43 -11.37 -13.08
C GLY A 142 1.15 -11.59 -11.60
N GLY A 143 -0.12 -11.53 -11.18
CA GLY A 143 -0.52 -11.71 -9.77
C GLY A 143 -1.20 -10.45 -9.24
N GLY A 144 -2.17 -10.61 -8.33
CA GLY A 144 -2.85 -9.45 -7.74
C GLY A 144 -4.12 -9.03 -8.47
N CYS A 145 -4.78 -8.00 -7.98
CA CYS A 145 -6.05 -7.51 -8.51
C CYS A 145 -5.88 -6.03 -8.86
N ASN A 146 -5.84 -5.71 -10.14
CA ASN A 146 -5.68 -4.31 -10.59
C ASN A 146 -6.88 -3.43 -10.24
N ASP A 147 -6.62 -2.15 -10.01
CA ASP A 147 -7.67 -1.14 -9.99
C ASP A 147 -8.13 -0.87 -11.44
N ALA A 148 -9.34 -0.34 -11.57
CA ALA A 148 -9.92 -0.09 -12.90
C ALA A 148 -9.23 1.03 -13.66
N CYS A 149 -8.62 1.99 -12.95
CA CYS A 149 -7.88 3.06 -13.66
C CYS A 149 -6.68 2.48 -14.41
N THR A 150 -5.92 1.63 -13.75
CA THR A 150 -4.79 0.90 -14.36
C THR A 150 -5.24 0.09 -15.56
N VAL A 151 -6.37 -0.59 -15.44
CA VAL A 151 -6.83 -1.47 -16.50
C VAL A 151 -7.41 -0.69 -17.68
N PHE A 152 -8.29 0.27 -17.39
CA PHE A 152 -9.09 0.89 -18.46
C PHE A 152 -8.74 2.31 -18.87
N GLN A 153 -7.99 3.02 -18.01
N GLN A 153 -8.05 3.02 -17.97
CA GLN A 153 -7.50 4.37 -18.33
CA GLN A 153 -7.56 4.38 -18.24
C GLN A 153 -8.60 5.35 -18.79
C GLN A 153 -8.62 5.30 -18.80
N THR A 154 -9.71 5.41 -18.05
CA THR A 154 -10.79 6.35 -18.36
C THR A 154 -10.79 7.47 -17.35
N SER A 155 -11.36 8.61 -17.72
N SER A 155 -11.37 8.60 -17.75
CA SER A 155 -11.48 9.73 -16.79
CA SER A 155 -11.54 9.74 -16.86
C SER A 155 -12.31 9.33 -15.59
C SER A 155 -12.34 9.37 -15.62
N GLU A 156 -13.34 8.50 -15.79
CA GLU A 156 -14.18 8.08 -14.66
C GLU A 156 -13.45 7.24 -13.61
N TYR A 157 -12.66 6.26 -14.05
CA TYR A 157 -11.90 5.44 -13.11
C TYR A 157 -10.72 6.14 -12.50
N CYS A 158 -10.07 7.01 -13.27
CA CYS A 158 -8.86 7.71 -12.83
C CYS A 158 -9.17 9.03 -12.13
N CYS A 159 -10.43 9.46 -12.22
CA CYS A 159 -10.91 10.71 -11.61
CA CYS A 159 -10.90 10.71 -11.60
C CYS A 159 -10.11 11.92 -12.08
N THR A 160 -9.77 11.88 -13.37
CA THR A 160 -8.96 12.89 -14.02
C THR A 160 -9.53 14.28 -13.97
N THR A 161 -10.85 14.42 -14.10
CA THR A 161 -11.49 15.76 -14.06
C THR A 161 -11.74 16.26 -12.64
N GLY A 162 -11.40 15.45 -11.62
CA GLY A 162 -11.80 15.72 -10.25
C GLY A 162 -13.28 15.46 -9.97
N LYS A 163 -14.00 14.96 -10.98
CA LYS A 163 -15.38 14.54 -10.84
C LYS A 163 -15.40 13.09 -11.26
N CYS A 164 -15.81 12.23 -10.34
CA CYS A 164 -16.00 10.83 -10.64
C CYS A 164 -16.87 10.32 -9.51
N GLY A 165 -17.56 9.24 -9.79
CA GLY A 165 -18.35 8.55 -8.81
C GLY A 165 -17.80 7.18 -8.53
N PRO A 166 -18.41 6.49 -7.56
CA PRO A 166 -18.12 5.09 -7.40
C PRO A 166 -18.52 4.30 -8.66
N THR A 167 -17.92 3.13 -8.83
CA THR A 167 -18.13 2.32 -10.02
C THR A 167 -18.33 0.88 -9.59
N GLU A 168 -18.74 0.02 -10.51
CA GLU A 168 -18.86 -1.40 -10.19
C GLU A 168 -17.54 -1.95 -9.65
N TYR A 169 -16.44 -1.51 -10.24
CA TYR A 169 -15.12 -1.99 -9.80
C TYR A 169 -14.74 -1.45 -8.43
N SER A 170 -14.95 -0.16 -8.19
CA SER A 170 -14.59 0.43 -6.89
C SER A 170 -15.42 -0.21 -5.78
N ARG A 171 -16.68 -0.50 -6.07
CA ARG A 171 -17.59 -1.13 -5.10
C ARG A 171 -17.12 -2.53 -4.71
N PHE A 172 -16.45 -3.24 -5.62
CA PHE A 172 -15.85 -4.54 -5.30
C PHE A 172 -14.82 -4.40 -4.19
N PHE A 173 -13.86 -3.51 -4.41
CA PHE A 173 -12.83 -3.27 -3.40
C PHE A 173 -13.45 -2.80 -2.08
N LYS A 174 -14.44 -1.92 -2.17
CA LYS A 174 -15.09 -1.36 -0.98
C LYS A 174 -15.90 -2.41 -0.22
N ARG A 175 -16.56 -3.31 -0.95
N ARG A 175 -16.57 -3.32 -0.92
CA ARG A 175 -17.32 -4.45 -0.37
CA ARG A 175 -17.32 -4.39 -0.23
C ARG A 175 -16.36 -5.31 0.48
C ARG A 175 -16.37 -5.36 0.51
N LEU A 176 -15.22 -5.68 -0.09
CA LEU A 176 -14.24 -6.58 0.54
C LEU A 176 -13.49 -5.86 1.66
N CYS A 177 -13.19 -4.57 1.44
CA CYS A 177 -12.42 -3.76 2.42
C CYS A 177 -13.03 -2.38 2.63
N PRO A 178 -14.03 -2.31 3.50
CA PRO A 178 -14.68 -1.03 3.71
C PRO A 178 -13.78 0.07 4.29
N ASP A 179 -12.73 -0.32 4.99
CA ASP A 179 -11.86 0.65 5.68
CA ASP A 179 -11.85 0.62 5.69
C ASP A 179 -10.67 1.09 4.83
N ALA A 180 -10.67 0.74 3.54
CA ALA A 180 -9.65 1.21 2.60
C ALA A 180 -10.28 2.07 1.51
N PHE A 181 -9.51 3.05 1.01
CA PHE A 181 -9.93 3.85 -0.15
C PHE A 181 -10.14 2.95 -1.37
N SER A 182 -11.30 3.05 -2.01
CA SER A 182 -11.63 2.26 -3.21
C SER A 182 -11.54 3.03 -4.54
N TYR A 183 -11.68 4.34 -4.46
CA TYR A 183 -11.50 5.23 -5.60
C TYR A 183 -11.09 6.60 -5.04
N VAL A 184 -10.72 7.50 -5.94
CA VAL A 184 -10.13 8.79 -5.55
C VAL A 184 -11.02 9.61 -4.63
N LEU A 185 -12.31 9.71 -4.96
CA LEU A 185 -13.26 10.50 -4.18
C LEU A 185 -14.09 9.71 -3.20
N ASP A 186 -13.60 8.55 -2.78
CA ASP A 186 -14.29 7.74 -1.78
C ASP A 186 -14.43 8.54 -0.49
N LYS A 187 -15.50 8.30 0.27
CA LYS A 187 -15.61 8.90 1.60
C LYS A 187 -14.33 8.53 2.38
N PRO A 188 -13.59 9.53 2.90
CA PRO A 188 -12.30 9.16 3.51
C PRO A 188 -12.38 8.18 4.68
N THR A 189 -11.41 7.27 4.69
CA THR A 189 -11.19 6.33 5.79
C THR A 189 -9.84 6.62 6.44
N THR A 190 -9.39 7.86 6.33
CA THR A 190 -8.17 8.32 6.94
C THR A 190 -8.33 8.42 8.46
N VAL A 191 -7.32 7.93 9.18
CA VAL A 191 -7.30 8.01 10.65
C VAL A 191 -6.33 9.12 11.04
N THR A 192 -6.75 9.95 12.00
CA THR A 192 -5.93 11.02 12.56
C THR A 192 -5.30 10.45 13.82
N CYS A 193 -3.98 10.48 13.83
CA CYS A 193 -3.20 10.03 14.99
C CYS A 193 -2.44 11.21 15.55
N PRO A 194 -2.01 11.10 16.81
CA PRO A 194 -1.15 12.15 17.34
C PRO A 194 0.14 12.34 16.50
N GLY A 195 0.58 13.59 16.36
CA GLY A 195 1.87 13.88 15.74
C GLY A 195 2.94 13.01 16.37
N SER A 196 3.85 12.50 15.53
CA SER A 196 4.95 11.65 15.97
C SER A 196 4.54 10.33 16.59
N SER A 197 3.43 9.75 16.13
CA SER A 197 3.09 8.37 16.51
C SER A 197 4.08 7.39 15.85
N ASN A 198 4.10 6.15 16.34
CA ASN A 198 4.84 5.07 15.68
C ASN A 198 3.86 4.00 15.23
N TYR A 199 4.31 3.14 14.32
CA TYR A 199 3.39 2.25 13.61
C TYR A 199 3.95 0.87 13.33
N ARG A 200 3.04 -0.05 13.00
CA ARG A 200 3.40 -1.36 12.51
C ARG A 200 2.55 -1.66 11.28
N VAL A 201 3.19 -2.08 10.20
CA VAL A 201 2.51 -2.58 9.01
C VAL A 201 2.70 -4.09 9.00
N THR A 202 1.60 -4.85 9.04
CA THR A 202 1.64 -6.29 9.09
C THR A 202 1.05 -6.79 7.78
N PHE A 203 1.84 -7.52 7.01
CA PHE A 203 1.36 -8.20 5.82
C PHE A 203 0.72 -9.54 6.22
N CYS A 204 -0.40 -9.88 5.59
CA CYS A 204 -1.19 -11.09 5.98
C CYS A 204 -1.48 -11.15 7.48
N PRO A 205 -2.17 -10.14 8.01
CA PRO A 205 -2.44 -10.09 9.44
C PRO A 205 -3.31 -11.25 9.99
N THR A 206 -4.14 -11.84 9.14
CA THR A 206 -5.03 -12.92 9.58
C THR A 206 -4.92 -14.15 8.68
N ALA A 207 -5.26 -15.32 9.23
CA ALA A 207 -5.22 -16.58 8.47
C ALA A 207 -6.34 -16.61 7.45
#